data_9B2U
#
_entry.id   9B2U
#
_cell.length_a   1.00
_cell.length_b   1.00
_cell.length_c   1.00
_cell.angle_alpha   90.00
_cell.angle_beta   90.00
_cell.angle_gamma   90.00
#
_symmetry.space_group_name_H-M   'P 1'
#
loop_
_entity.id
_entity.type
_entity.pdbx_description
1 polymer 'Histone H3.2'
2 polymer 'Serine/threonine-protein kinase haspin'
#
loop_
_entity_poly.entity_id
_entity_poly.type
_entity_poly.pdbx_seq_one_letter_code
_entity_poly.pdbx_strand_id
1 'polypeptide(L)'
;MARTKQTARKSTGGKAPRKQLATKAARKSAPATGGVKKPHRYRPGTVALREIRRYQKSTELLIRKLPFQRLVREIAQDFK
TDLRFQSSAVMALQEASEAYLVALFEDTNLCAIHAKRVTIMPKDIQLARRIRGERA
;
E
2 'polypeptide(L)'
;MHHHHHHSSGVDLGTENLYFQSMGECSQKGPVPFSHCLPTEKLQRCEKIGEGVFGEVFQTIADHTPVAIKIIAIEGPDLV
NGSHQKTFEEILPEIIISKELSLLSGEVCNRTEGFIGLNSVHCVQGSYPPLLLKAWDHYNSTKGSANDRPDFFKDDQLFI
VLEFEFGGIDLEQMRTKLSSLATAKSILHQLTASLAVAEASLRFEHRDLHWGNVLLKKTSLKKLHYTLNGKSSTIPSCGL
QVSIIDYTLSRLERDGIVVFCDVSMDEDLFTGDGDYQFDIYRLMKKENNNRWGEYHPYSNVLWLHYLTDKMLKQMTFKTK
CNTPAMKQIKRKIQEFHRTMLNFSSATDLLCQHSLFK
;
K
#
# COMPACT_ATOMS: atom_id res chain seq x y z
N ARG A 3 11.73 -0.90 -4.03
CA ARG A 3 10.83 -0.21 -3.06
C ARG A 3 10.94 1.30 -3.25
N THR A 4 10.70 2.08 -2.19
CA THR A 4 10.78 3.56 -2.28
C THR A 4 12.21 3.98 -2.62
N LYS A 5 13.21 3.31 -2.03
CA LYS A 5 14.64 3.62 -2.29
C LYS A 5 15.32 2.41 -2.92
N GLN A 6 16.03 2.60 -4.04
CA GLN A 6 16.74 1.49 -4.71
C GLN A 6 17.91 1.03 -3.84
N LYS B 29 0.00 1.58 31.85
CA LYS B 29 -0.02 1.17 30.45
C LYS B 29 1.25 1.62 29.72
N GLY B 30 1.08 2.11 28.50
CA GLY B 30 2.18 2.56 27.70
C GLY B 30 3.04 1.42 27.20
N PRO B 31 4.31 1.40 27.61
CA PRO B 31 5.23 0.37 27.12
C PRO B 31 5.11 -0.96 27.87
N VAL B 32 4.07 -1.73 27.57
CA VAL B 32 3.86 -3.04 28.19
C VAL B 32 4.74 -4.06 27.48
N PRO B 33 5.11 -5.17 28.13
CA PRO B 33 5.86 -6.21 27.42
C PRO B 33 4.97 -6.90 26.38
N PHE B 34 5.64 -7.55 25.42
CA PHE B 34 4.91 -8.14 24.30
C PHE B 34 4.04 -9.32 24.72
N SER B 35 4.20 -9.79 25.96
CA SER B 35 3.40 -10.92 26.43
C SER B 35 1.91 -10.58 26.41
N HIS B 36 1.55 -9.39 26.89
CA HIS B 36 0.14 -9.01 26.94
C HIS B 36 -0.43 -8.78 25.55
N CYS B 37 0.32 -8.07 24.71
CA CYS B 37 -0.16 -7.82 23.35
C CYS B 37 -0.21 -9.11 22.53
N LEU B 38 0.80 -9.97 22.68
CA LEU B 38 0.92 -11.21 21.91
C LEU B 38 1.01 -12.38 22.89
N PRO B 39 -0.10 -13.05 23.19
CA PRO B 39 -0.04 -14.22 24.08
C PRO B 39 0.64 -15.39 23.36
N THR B 40 0.93 -16.43 24.14
CA THR B 40 1.71 -17.54 23.60
C THR B 40 1.06 -18.17 22.38
N GLU B 41 -0.28 -18.27 22.37
CA GLU B 41 -0.96 -18.91 21.25
C GLU B 41 -0.68 -18.18 19.95
N LYS B 42 -0.71 -16.84 19.98
CA LYS B 42 -0.40 -16.07 18.78
C LYS B 42 1.10 -16.07 18.48
N LEU B 43 1.97 -16.14 19.51
CA LEU B 43 3.40 -16.19 19.22
C LEU B 43 3.78 -17.44 18.46
N GLN B 44 3.26 -18.60 18.86
CA GLN B 44 3.67 -19.81 18.15
C GLN B 44 3.09 -19.88 16.74
N ARG B 45 2.09 -19.06 16.44
CA ARG B 45 1.43 -19.06 15.14
C ARG B 45 1.81 -17.86 14.28
N CYS B 46 3.02 -17.35 14.42
CA CYS B 46 3.43 -16.20 13.62
C CYS B 46 4.28 -16.65 12.42
N GLU B 47 3.85 -16.26 11.22
CA GLU B 47 4.61 -16.49 10.01
C GLU B 47 5.05 -15.13 9.48
N LYS B 48 6.29 -15.06 9.00
CA LYS B 48 6.89 -13.75 8.72
C LYS B 48 6.92 -13.55 7.21
N ILE B 49 6.29 -12.48 6.74
CA ILE B 49 5.97 -12.33 5.32
C ILE B 49 6.85 -11.30 4.64
N GLY B 50 6.93 -10.10 5.21
CA GLY B 50 7.58 -9.00 4.52
C GLY B 50 8.55 -8.26 5.42
N GLU B 51 9.39 -7.46 4.79
CA GLU B 51 10.40 -6.70 5.50
C GLU B 51 10.62 -5.36 4.81
N GLY B 52 11.30 -4.46 5.51
CA GLY B 52 11.59 -3.15 4.96
C GLY B 52 12.43 -2.36 5.94
N VAL B 53 12.72 -1.12 5.56
CA VAL B 53 13.48 -0.23 6.42
C VAL B 53 12.70 0.07 7.70
N PHE B 54 11.37 0.09 7.59
CA PHE B 54 10.53 0.40 8.76
C PHE B 54 10.69 -0.64 9.85
N GLY B 55 10.63 -1.93 9.49
CA GLY B 55 10.64 -2.96 10.51
C GLY B 55 10.29 -4.34 9.99
N GLU B 56 9.34 -5.00 10.66
CA GLU B 56 9.03 -6.39 10.39
C GLU B 56 7.53 -6.57 10.13
N VAL B 57 7.20 -7.60 9.37
CA VAL B 57 5.83 -7.95 9.03
C VAL B 57 5.59 -9.40 9.46
N PHE B 58 4.53 -9.63 10.23
CA PHE B 58 4.20 -10.95 10.73
C PHE B 58 2.72 -11.23 10.52
N GLN B 59 2.41 -12.51 10.36
CA GLN B 59 1.05 -12.98 10.11
C GLN B 59 0.67 -14.01 11.16
N THR B 60 -0.55 -13.90 11.70
CA THR B 60 -1.06 -14.82 12.70
C THR B 60 -2.58 -14.78 12.66
N ILE B 61 -3.20 -15.75 13.33
CA ILE B 61 -4.65 -15.85 13.42
C ILE B 61 -5.09 -15.46 14.83
N ALA B 62 -5.94 -14.45 14.92
CA ALA B 62 -6.47 -13.98 16.19
C ALA B 62 -7.95 -13.67 16.03
N ASP B 63 -8.73 -14.02 17.06
CA ASP B 63 -10.18 -13.87 17.03
C ASP B 63 -10.78 -14.59 15.82
N HIS B 64 -10.23 -15.77 15.52
CA HIS B 64 -10.73 -16.64 14.44
C HIS B 64 -10.68 -15.93 13.09
N THR B 65 -9.62 -15.16 12.86
CA THR B 65 -9.44 -14.45 11.61
C THR B 65 -7.95 -14.13 11.47
N PRO B 66 -7.35 -14.34 10.30
CA PRO B 66 -5.94 -13.99 10.12
C PRO B 66 -5.74 -12.48 10.16
N VAL B 67 -4.80 -12.04 10.98
CA VAL B 67 -4.49 -10.62 11.15
C VAL B 67 -3.02 -10.41 10.87
N ALA B 68 -2.68 -9.22 10.38
CA ALA B 68 -1.31 -8.86 10.04
C ALA B 68 -0.69 -8.05 11.18
N ILE B 69 0.56 -8.35 11.49
CA ILE B 69 1.28 -7.72 12.58
C ILE B 69 2.51 -7.04 12.01
N LYS B 70 2.62 -5.74 12.22
CA LYS B 70 3.82 -4.97 11.86
C LYS B 70 4.45 -4.40 13.13
N ILE B 71 5.74 -4.66 13.30
CA ILE B 71 6.47 -4.25 14.51
C ILE B 71 7.69 -3.46 14.07
N ILE B 72 7.92 -2.31 14.73
CA ILE B 72 8.95 -1.36 14.34
C ILE B 72 9.75 -0.96 15.57
N ALA B 73 11.03 -0.66 15.37
CA ALA B 73 11.89 -0.15 16.43
C ALA B 73 11.69 1.36 16.56
N ILE B 74 11.61 1.84 17.80
CA ILE B 74 11.24 3.22 18.07
C ILE B 74 12.08 3.73 19.23
N GLU B 75 12.54 4.98 19.10
CA GLU B 75 13.27 5.69 20.16
C GLU B 75 14.54 4.94 20.57
N GLY B 76 15.44 4.74 19.63
CA GLY B 76 16.73 4.15 19.94
C GLY B 76 17.88 5.00 19.43
N PRO B 77 19.01 4.95 20.13
CA PRO B 77 20.21 5.67 19.66
C PRO B 77 21.03 4.84 18.69
N ASP B 78 20.65 3.58 18.52
CA ASP B 78 21.40 2.65 17.68
C ASP B 78 21.11 2.89 16.20
N LEU B 79 21.93 2.27 15.35
CA LEU B 79 21.78 2.32 13.91
C LEU B 79 21.57 0.90 13.39
N VAL B 80 20.49 0.69 12.63
CA VAL B 80 20.14 -0.60 12.08
C VAL B 80 19.66 -0.44 10.65
N ASN B 81 20.12 -1.34 9.77
CA ASN B 81 19.67 -1.41 8.38
C ASN B 81 19.85 -0.08 7.66
N GLY B 82 20.98 0.59 7.90
CA GLY B 82 21.35 1.76 7.14
C GLY B 82 20.67 3.05 7.53
N SER B 83 19.87 3.05 8.59
CA SER B 83 19.21 4.26 9.06
C SER B 83 19.10 4.22 10.57
N HIS B 84 19.20 5.38 11.20
CA HIS B 84 19.00 5.48 12.64
C HIS B 84 17.52 5.27 12.98
N GLN B 85 17.26 5.10 14.27
CA GLN B 85 15.90 4.85 14.72
C GLN B 85 15.03 6.08 14.51
N LYS B 86 13.75 5.85 14.30
CA LYS B 86 12.77 6.92 14.14
C LYS B 86 12.28 7.35 15.52
N THR B 87 11.62 8.51 15.56
CA THR B 87 11.17 9.08 16.82
C THR B 87 9.65 9.19 16.80
N PHE B 88 9.02 9.26 17.97
CA PHE B 88 7.58 9.09 18.13
C PHE B 88 6.75 10.13 17.39
N GLU B 89 7.10 11.41 17.47
CA GLU B 89 6.25 12.41 16.81
C GLU B 89 6.30 12.32 15.30
N GLU B 90 7.32 11.68 14.74
CA GLU B 90 7.40 11.44 13.30
C GLU B 90 6.57 10.25 12.85
N ILE B 91 6.32 9.29 13.75
CA ILE B 91 5.47 8.16 13.41
C ILE B 91 4.00 8.43 13.74
N LEU B 92 3.70 9.49 14.49
CA LEU B 92 2.31 9.84 14.77
C LEU B 92 1.51 10.11 13.50
N PRO B 93 2.00 10.91 12.53
CA PRO B 93 1.21 11.10 11.30
C PRO B 93 0.89 9.79 10.58
N GLU B 94 1.77 8.80 10.66
CA GLU B 94 1.48 7.50 10.07
C GLU B 94 0.19 6.91 10.62
N ILE B 95 0.08 6.84 11.95
CA ILE B 95 -1.12 6.27 12.54
C ILE B 95 -2.32 7.17 12.32
N ILE B 96 -2.12 8.49 12.29
CA ILE B 96 -3.25 9.39 12.04
C ILE B 96 -3.84 9.13 10.67
N ILE B 97 -3.00 9.08 9.64
CA ILE B 97 -3.52 8.86 8.30
C ILE B 97 -4.07 7.45 8.15
N SER B 98 -3.46 6.46 8.81
CA SER B 98 -3.99 5.10 8.72
C SER B 98 -5.39 5.02 9.33
N LYS B 99 -5.58 5.62 10.50
CA LYS B 99 -6.90 5.56 11.14
C LYS B 99 -7.91 6.42 10.39
N GLU B 100 -7.48 7.48 9.72
CA GLU B 100 -8.41 8.31 8.96
C GLU B 100 -8.86 7.61 7.69
N LEU B 101 -7.92 6.97 6.98
CA LEU B 101 -8.28 6.22 5.79
C LEU B 101 -9.08 4.97 6.11
N SER B 102 -8.86 4.38 7.29
CA SER B 102 -9.65 3.22 7.69
C SER B 102 -11.12 3.59 7.89
N LEU B 103 -11.39 4.74 8.51
CA LEU B 103 -12.74 5.09 8.94
C LEU B 103 -13.65 5.46 7.77
N LEU B 104 -13.10 5.98 6.68
CA LEU B 104 -13.94 6.46 5.58
C LEU B 104 -14.73 5.35 4.91
N SER B 105 -14.40 4.09 5.15
CA SER B 105 -15.18 2.99 4.60
C SER B 105 -16.54 2.82 5.28
N GLY B 106 -16.90 3.70 6.20
CA GLY B 106 -18.20 3.65 6.84
C GLY B 106 -19.00 4.93 6.66
N GLU B 107 -18.39 5.94 6.03
CA GLU B 107 -19.04 7.21 5.83
C GLU B 107 -20.10 7.12 4.74
N VAL B 108 -21.20 7.86 4.94
CA VAL B 108 -22.32 7.81 4.01
C VAL B 108 -22.08 8.66 2.76
N CYS B 109 -21.36 9.78 2.88
CA CYS B 109 -21.12 10.63 1.72
C CYS B 109 -20.23 9.96 0.69
N ASN B 110 -19.09 9.43 1.12
CA ASN B 110 -18.12 8.79 0.24
C ASN B 110 -17.66 7.51 0.91
N ARG B 111 -17.74 6.40 0.18
CA ARG B 111 -17.42 5.09 0.75
C ARG B 111 -16.76 4.19 -0.29
N THR B 112 -15.78 3.42 0.16
CA THR B 112 -15.21 2.30 -0.58
C THR B 112 -14.43 1.43 0.40
N GLU B 113 -14.26 0.16 0.04
CA GLU B 113 -13.57 -0.81 0.88
C GLU B 113 -12.19 -1.16 0.32
N GLY B 114 -11.54 -0.22 -0.33
CA GLY B 114 -10.25 -0.44 -0.94
C GLY B 114 -9.06 -0.25 -0.03
N PHE B 115 -9.28 -0.04 1.27
CA PHE B 115 -8.20 0.19 2.21
C PHE B 115 -8.18 -0.93 3.26
N ILE B 116 -7.19 -0.89 4.14
CA ILE B 116 -7.00 -1.88 5.19
C ILE B 116 -7.40 -1.26 6.51
N GLY B 117 -8.15 -2.03 7.32
CA GLY B 117 -8.67 -1.51 8.56
C GLY B 117 -7.65 -1.51 9.69
N LEU B 118 -7.83 -0.55 10.60
CA LEU B 118 -7.04 -0.46 11.82
C LEU B 118 -7.71 -1.30 12.90
N ASN B 119 -6.93 -2.16 13.56
CA ASN B 119 -7.45 -2.95 14.67
C ASN B 119 -6.98 -2.41 16.01
N SER B 120 -5.67 -2.26 16.18
CA SER B 120 -5.13 -1.77 17.44
C SER B 120 -3.68 -1.32 17.25
N VAL B 121 -3.26 -0.38 18.09
CA VAL B 121 -1.87 0.06 18.16
C VAL B 121 -1.46 0.15 19.62
N HIS B 122 -0.23 -0.26 19.92
CA HIS B 122 0.28 -0.27 21.28
C HIS B 122 1.79 -0.02 21.24
N CYS B 123 2.39 0.01 22.43
CA CYS B 123 3.83 0.14 22.59
C CYS B 123 4.38 -1.05 23.37
N VAL B 124 5.48 -1.60 22.91
CA VAL B 124 6.06 -2.82 23.48
C VAL B 124 7.47 -2.53 23.96
N GLN B 125 7.76 -2.90 25.21
CA GLN B 125 9.07 -2.74 25.82
C GLN B 125 9.70 -4.10 26.05
N GLY B 126 10.89 -4.29 25.52
CA GLY B 126 11.61 -5.54 25.70
C GLY B 126 12.48 -5.84 24.50
N SER B 127 12.77 -7.13 24.33
CA SER B 127 13.62 -7.65 23.27
C SER B 127 12.83 -8.61 22.38
N TYR B 128 13.53 -9.29 21.49
CA TYR B 128 12.89 -10.08 20.45
C TYR B 128 12.73 -11.53 20.91
N PRO B 129 11.52 -12.08 20.93
CA PRO B 129 11.36 -13.47 21.38
C PRO B 129 11.98 -14.42 20.38
N PRO B 130 12.45 -15.58 20.84
CA PRO B 130 13.17 -16.49 19.94
C PRO B 130 12.32 -17.14 18.88
N LEU B 131 11.00 -17.29 19.11
CA LEU B 131 10.17 -18.03 18.16
C LEU B 131 10.10 -17.34 16.81
N LEU B 132 9.76 -16.04 16.80
CA LEU B 132 9.74 -15.33 15.53
C LEU B 132 11.14 -15.14 14.96
N LEU B 133 12.17 -15.22 15.81
CA LEU B 133 13.53 -15.22 15.30
C LEU B 133 13.78 -16.47 14.46
N LYS B 134 13.38 -17.64 14.98
CA LYS B 134 13.48 -18.87 14.19
C LYS B 134 12.61 -18.80 12.95
N ALA B 135 11.46 -18.13 13.04
CA ALA B 135 10.62 -17.95 11.86
C ALA B 135 11.34 -17.13 10.79
N TRP B 136 12.02 -16.05 11.20
CA TRP B 136 12.78 -15.26 10.25
C TRP B 136 13.90 -16.09 9.65
N ASP B 137 14.55 -16.91 10.49
CA ASP B 137 15.61 -17.80 9.98
C ASP B 137 15.06 -18.75 8.92
N HIS B 138 13.86 -19.29 9.16
CA HIS B 138 13.19 -20.11 8.17
C HIS B 138 12.99 -19.34 6.86
N TYR B 139 12.49 -18.11 6.95
CA TYR B 139 12.31 -17.31 5.75
C TYR B 139 13.64 -17.11 5.03
N ASN B 140 14.68 -16.73 5.77
CA ASN B 140 15.99 -16.45 5.18
C ASN B 140 16.53 -17.68 4.47
N SER B 141 16.36 -18.86 5.08
CA SER B 141 16.75 -20.09 4.42
C SER B 141 15.91 -20.34 3.17
N THR B 142 14.68 -19.86 3.14
CA THR B 142 13.86 -20.06 1.95
C THR B 142 14.17 -19.04 0.86
N LYS B 143 13.93 -17.76 1.12
CA LYS B 143 14.03 -16.73 0.10
C LYS B 143 15.05 -15.65 0.42
N GLY B 144 15.16 -15.25 1.68
CA GLY B 144 16.22 -14.34 2.08
C GLY B 144 15.71 -12.95 2.41
N SER B 145 16.55 -12.21 3.15
CA SER B 145 16.25 -10.84 3.54
C SER B 145 17.50 -9.99 3.35
N ALA B 146 17.29 -8.68 3.30
CA ALA B 146 18.38 -7.73 3.10
C ALA B 146 18.74 -6.97 4.37
N ASN B 147 18.27 -7.43 5.54
CA ASN B 147 18.50 -6.70 6.77
C ASN B 147 19.39 -7.46 7.74
N ASP B 148 19.64 -6.88 8.91
CA ASP B 148 20.53 -7.45 9.91
C ASP B 148 19.75 -8.35 10.86
N ARG B 149 20.50 -9.09 11.68
CA ARG B 149 19.89 -10.00 12.63
C ARG B 149 19.39 -9.24 13.85
N PRO B 150 18.09 -9.22 14.12
CA PRO B 150 17.58 -8.46 15.28
C PRO B 150 17.68 -9.26 16.58
N ASP B 151 18.91 -9.53 17.00
CA ASP B 151 19.14 -10.24 18.26
C ASP B 151 19.98 -9.43 19.24
N PHE B 152 20.48 -8.27 18.82
CA PHE B 152 21.34 -7.48 19.68
C PHE B 152 20.55 -6.59 20.63
N PHE B 153 19.23 -6.59 20.54
CA PHE B 153 18.44 -5.53 21.13
C PHE B 153 18.07 -5.91 22.57
N LYS B 154 18.14 -4.95 23.48
CA LYS B 154 18.07 -5.24 24.91
C LYS B 154 16.64 -5.10 25.43
N ASP B 155 16.49 -5.23 26.75
CA ASP B 155 15.17 -5.17 27.36
C ASP B 155 14.64 -3.74 27.45
N ASP B 156 15.54 -2.78 27.58
CA ASP B 156 15.14 -1.40 27.84
C ASP B 156 14.51 -0.69 26.65
N GLN B 157 14.54 -1.27 25.45
CA GLN B 157 14.00 -0.58 24.30
C GLN B 157 12.49 -0.42 24.35
N LEU B 158 11.98 0.28 23.35
CA LEU B 158 10.56 0.36 23.06
C LEU B 158 10.29 -0.20 21.67
N PHE B 159 9.06 -0.66 21.45
CA PHE B 159 8.63 -1.09 20.12
C PHE B 159 7.21 -0.64 19.88
N ILE B 160 6.82 -0.64 18.61
CA ILE B 160 5.47 -0.27 18.18
C ILE B 160 4.88 -1.48 17.46
N VAL B 161 3.61 -1.74 17.71
CA VAL B 161 2.91 -2.90 17.16
C VAL B 161 1.72 -2.42 16.35
N LEU B 162 1.59 -2.93 15.13
CA LEU B 162 0.50 -2.56 14.24
C LEU B 162 -0.32 -3.79 13.88
N GLU B 163 -1.63 -3.71 14.09
CA GLU B 163 -2.56 -4.77 13.76
C GLU B 163 -3.37 -4.40 12.53
N PHE B 164 -3.13 -5.09 11.43
CA PHE B 164 -3.85 -4.86 10.18
C PHE B 164 -4.53 -6.15 9.74
N GLU B 165 -5.54 -5.99 8.89
CA GLU B 165 -6.33 -7.13 8.44
C GLU B 165 -5.74 -7.67 7.15
N PHE B 166 -5.79 -9.00 7.01
CA PHE B 166 -5.05 -9.69 5.95
C PHE B 166 -5.54 -9.30 4.56
N GLY B 167 -4.60 -9.03 3.66
CA GLY B 167 -4.96 -8.58 2.32
C GLY B 167 -4.84 -9.64 1.24
N GLY B 168 -3.90 -10.56 1.40
CA GLY B 168 -3.68 -11.60 0.42
C GLY B 168 -2.27 -11.53 -0.15
N ILE B 169 -2.15 -11.95 -1.41
CA ILE B 169 -0.88 -11.92 -2.12
C ILE B 169 -0.80 -10.64 -2.93
N ASP B 170 0.33 -9.95 -2.83
CA ASP B 170 0.50 -8.73 -3.60
C ASP B 170 0.76 -9.07 -5.07
N LEU B 171 0.77 -8.03 -5.90
CA LEU B 171 0.85 -8.24 -7.35
C LEU B 171 2.19 -8.81 -7.79
N GLU B 172 3.24 -8.68 -6.98
CA GLU B 172 4.58 -9.01 -7.45
C GLU B 172 4.77 -10.51 -7.63
N GLN B 173 4.16 -11.34 -6.79
CA GLN B 173 4.24 -12.77 -7.00
C GLN B 173 3.05 -13.33 -7.76
N MET B 174 2.14 -12.48 -8.21
CA MET B 174 0.95 -12.89 -8.94
C MET B 174 1.06 -12.59 -10.43
N ARG B 175 2.28 -12.36 -10.92
CA ARG B 175 2.46 -11.99 -12.33
C ARG B 175 1.98 -13.09 -13.26
N THR B 176 2.27 -14.35 -12.94
CA THR B 176 1.87 -15.47 -13.77
C THR B 176 0.59 -16.13 -13.28
N LYS B 177 -0.29 -15.37 -12.65
CA LYS B 177 -1.50 -15.94 -12.05
C LYS B 177 -2.78 -15.23 -12.46
N LEU B 178 -2.70 -14.12 -13.18
CA LEU B 178 -3.90 -13.39 -13.57
C LEU B 178 -4.69 -14.17 -14.61
N SER B 179 -5.97 -13.83 -14.73
CA SER B 179 -6.87 -14.58 -15.62
C SER B 179 -6.73 -14.13 -17.07
N SER B 180 -7.08 -12.88 -17.37
CA SER B 180 -6.99 -12.35 -18.72
C SER B 180 -7.05 -10.83 -18.65
N LEU B 181 -7.24 -10.20 -19.82
CA LEU B 181 -7.27 -8.74 -19.90
C LEU B 181 -8.44 -8.14 -19.12
N ALA B 182 -9.57 -8.84 -19.04
CA ALA B 182 -10.71 -8.30 -18.30
C ALA B 182 -10.37 -8.12 -16.82
N THR B 183 -9.61 -9.05 -16.25
CA THR B 183 -9.16 -8.89 -14.87
C THR B 183 -8.31 -7.64 -14.73
N ALA B 184 -7.43 -7.37 -15.69
CA ALA B 184 -6.63 -6.15 -15.66
C ALA B 184 -7.52 -4.92 -15.71
N LYS B 185 -8.52 -4.93 -16.59
CA LYS B 185 -9.43 -3.79 -16.68
C LYS B 185 -10.14 -3.55 -15.36
N SER B 186 -10.60 -4.62 -14.72
CA SER B 186 -11.27 -4.47 -13.43
C SER B 186 -10.30 -3.95 -12.37
N ILE B 187 -9.05 -4.39 -12.41
CA ILE B 187 -8.07 -3.95 -11.43
C ILE B 187 -7.85 -2.44 -11.56
N LEU B 188 -7.62 -1.97 -12.79
CA LEU B 188 -7.44 -0.53 -13.00
C LEU B 188 -8.69 0.24 -12.61
N HIS B 189 -9.88 -0.30 -12.92
CA HIS B 189 -11.10 0.38 -12.54
C HIS B 189 -11.21 0.53 -11.03
N GLN B 190 -10.90 -0.54 -10.28
CA GLN B 190 -11.00 -0.47 -8.83
C GLN B 190 -9.98 0.50 -8.26
N LEU B 191 -8.74 0.47 -8.75
CA LEU B 191 -7.73 1.41 -8.25
C LEU B 191 -8.15 2.86 -8.52
N THR B 192 -8.59 3.13 -9.75
CA THR B 192 -8.99 4.49 -10.11
C THR B 192 -10.17 4.95 -9.27
N ALA B 193 -11.16 4.07 -9.07
CA ALA B 193 -12.32 4.44 -8.26
C ALA B 193 -11.91 4.73 -6.82
N SER B 194 -11.08 3.88 -6.23
CA SER B 194 -10.67 4.08 -4.85
C SER B 194 -9.91 5.40 -4.69
N LEU B 195 -8.97 5.68 -5.59
CA LEU B 195 -8.24 6.94 -5.50
C LEU B 195 -9.16 8.13 -5.75
N ALA B 196 -10.15 7.96 -6.62
CA ALA B 196 -11.10 9.04 -6.87
C ALA B 196 -11.89 9.39 -5.63
N VAL B 197 -12.42 8.37 -4.94
CA VAL B 197 -13.14 8.64 -3.70
C VAL B 197 -12.21 9.24 -2.66
N ALA B 198 -10.97 8.75 -2.59
CA ALA B 198 -10.03 9.29 -1.62
C ALA B 198 -9.79 10.78 -1.84
N GLU B 199 -9.57 11.18 -3.09
CA GLU B 199 -9.35 12.60 -3.38
C GLU B 199 -10.60 13.42 -3.16
N ALA B 200 -11.76 12.89 -3.56
CA ALA B 200 -13.00 13.66 -3.41
C ALA B 200 -13.40 13.82 -1.94
N SER B 201 -12.94 12.91 -1.08
CA SER B 201 -13.31 12.96 0.33
C SER B 201 -12.30 13.74 1.17
N LEU B 202 -11.02 13.36 1.11
CA LEU B 202 -10.03 13.87 2.04
C LEU B 202 -8.84 14.51 1.36
N ARG B 203 -8.86 14.69 0.03
CA ARG B 203 -7.78 15.35 -0.71
C ARG B 203 -6.45 14.63 -0.48
N PHE B 204 -6.41 13.39 -0.94
CA PHE B 204 -5.36 12.44 -0.60
C PHE B 204 -4.32 12.31 -1.70
N GLU B 205 -3.06 12.18 -1.29
CA GLU B 205 -1.95 11.92 -2.20
C GLU B 205 -1.04 10.90 -1.54
N HIS B 206 -0.98 9.68 -2.08
CA HIS B 206 -0.26 8.61 -1.39
C HIS B 206 1.12 8.39 -1.99
N ARG B 207 1.25 8.43 -3.31
CA ARG B 207 2.49 8.71 -4.02
C ARG B 207 3.45 7.52 -4.11
N ASP B 208 3.09 6.34 -3.60
CA ASP B 208 4.02 5.22 -3.58
C ASP B 208 3.40 3.95 -4.16
N LEU B 209 2.64 4.07 -5.25
CA LEU B 209 2.08 2.88 -5.90
C LEU B 209 3.14 2.19 -6.74
N HIS B 210 4.01 1.44 -6.08
CA HIS B 210 4.83 0.48 -6.79
C HIS B 210 4.17 -0.88 -6.70
N TRP B 211 4.37 -1.71 -7.73
CA TRP B 211 3.52 -2.89 -7.92
C TRP B 211 3.69 -3.93 -6.82
N GLY B 212 4.50 -3.66 -5.81
CA GLY B 212 4.54 -4.51 -4.63
C GLY B 212 3.70 -3.94 -3.51
N ASN B 213 2.79 -3.04 -3.83
CA ASN B 213 2.01 -2.35 -2.82
C ASN B 213 0.50 -2.44 -3.03
N VAL B 214 0.04 -3.32 -3.91
CA VAL B 214 -1.38 -3.56 -4.11
C VAL B 214 -1.68 -5.01 -3.76
N LEU B 215 -2.79 -5.23 -3.06
CA LEU B 215 -3.14 -6.52 -2.51
C LEU B 215 -4.38 -7.07 -3.20
N LEU B 216 -4.34 -8.36 -3.54
CA LEU B 216 -5.45 -9.06 -4.16
C LEU B 216 -6.01 -10.09 -3.20
N LYS B 217 -7.33 -10.14 -3.10
CA LYS B 217 -8.02 -11.10 -2.25
C LYS B 217 -9.15 -11.76 -3.03
N LYS B 218 -9.24 -13.09 -2.93
CA LYS B 218 -10.33 -13.80 -3.58
C LYS B 218 -11.65 -13.47 -2.93
N THR B 219 -12.70 -13.38 -3.74
CA THR B 219 -14.01 -13.00 -3.24
C THR B 219 -15.09 -13.64 -4.10
N SER B 220 -16.31 -13.66 -3.57
CA SER B 220 -17.46 -14.22 -4.28
C SER B 220 -18.44 -13.17 -4.75
N LEU B 221 -18.36 -11.94 -4.25
CA LEU B 221 -19.26 -10.89 -4.71
C LEU B 221 -19.00 -10.59 -6.18
N LYS B 222 -20.09 -10.45 -6.93
CA LYS B 222 -19.96 -10.19 -8.37
C LYS B 222 -19.77 -8.71 -8.68
N LYS B 223 -20.30 -7.82 -7.83
CA LYS B 223 -20.22 -6.39 -8.04
C LYS B 223 -19.83 -5.69 -6.75
N LEU B 224 -19.26 -4.50 -6.89
CA LEU B 224 -18.85 -3.67 -5.76
C LEU B 224 -19.67 -2.40 -5.73
N HIS B 225 -19.87 -1.85 -4.54
CA HIS B 225 -20.60 -0.60 -4.35
C HIS B 225 -19.64 0.49 -3.93
N TYR B 226 -19.64 1.60 -4.68
CA TYR B 226 -18.90 2.78 -4.29
C TYR B 226 -19.75 4.00 -4.60
N THR B 227 -19.80 4.94 -3.66
CA THR B 227 -20.59 6.15 -3.79
C THR B 227 -19.69 7.36 -3.64
N LEU B 228 -19.78 8.30 -4.57
CA LEU B 228 -19.04 9.55 -4.51
C LEU B 228 -20.02 10.71 -4.51
N ASN B 229 -19.94 11.54 -3.48
CA ASN B 229 -20.77 12.72 -3.32
C ASN B 229 -22.26 12.39 -3.45
N GLY B 230 -22.67 11.23 -2.94
CA GLY B 230 -24.07 10.86 -2.88
C GLY B 230 -24.61 10.17 -4.10
N LYS B 231 -23.77 9.74 -5.05
CA LYS B 231 -24.21 9.03 -6.23
C LYS B 231 -23.54 7.66 -6.30
N SER B 232 -24.34 6.62 -6.44
CA SER B 232 -23.88 5.23 -6.35
C SER B 232 -23.52 4.69 -7.73
N SER B 233 -22.69 3.66 -7.74
CA SER B 233 -22.29 2.98 -8.96
C SER B 233 -21.87 1.56 -8.61
N THR B 234 -21.76 0.72 -9.63
CA THR B 234 -21.39 -0.68 -9.45
C THR B 234 -20.28 -1.04 -10.43
N ILE B 235 -19.37 -1.91 -9.97
CA ILE B 235 -18.22 -2.34 -10.76
C ILE B 235 -18.16 -3.86 -10.79
N PRO B 236 -17.98 -4.48 -11.96
CA PRO B 236 -17.77 -5.93 -11.99
C PRO B 236 -16.51 -6.30 -11.23
N SER B 237 -16.53 -7.45 -10.58
CA SER B 237 -15.44 -7.88 -9.71
C SER B 237 -14.53 -8.90 -10.36
N CYS B 238 -15.07 -9.82 -11.15
CA CYS B 238 -14.32 -10.95 -11.71
C CYS B 238 -13.68 -11.79 -10.61
N GLY B 239 -14.23 -11.72 -9.40
CA GLY B 239 -13.75 -12.55 -8.31
C GLY B 239 -12.52 -12.07 -7.59
N LEU B 240 -12.27 -10.75 -7.58
CA LEU B 240 -11.08 -10.23 -6.91
C LEU B 240 -11.43 -8.92 -6.22
N GLN B 241 -10.66 -8.60 -5.18
CA GLN B 241 -10.79 -7.34 -4.46
C GLN B 241 -9.40 -6.74 -4.28
N VAL B 242 -9.31 -5.41 -4.30
CA VAL B 242 -8.03 -4.72 -4.36
C VAL B 242 -7.91 -3.76 -3.18
N SER B 243 -6.72 -3.73 -2.58
CA SER B 243 -6.44 -2.85 -1.46
C SER B 243 -5.05 -2.25 -1.60
N ILE B 244 -4.84 -1.13 -0.90
CA ILE B 244 -3.60 -0.38 -0.94
C ILE B 244 -3.03 -0.25 0.47
N ILE B 245 -1.71 -0.34 0.59
CA ILE B 245 -1.02 -0.37 1.87
C ILE B 245 0.20 0.55 1.81
N ASP B 246 0.94 0.59 2.92
CA ASP B 246 2.24 1.24 3.02
C ASP B 246 2.15 2.74 2.68
N TYR B 247 1.46 3.45 3.58
CA TYR B 247 1.24 4.88 3.43
C TYR B 247 2.30 5.71 4.13
N THR B 248 3.54 5.22 4.19
CA THR B 248 4.59 5.90 4.95
C THR B 248 4.98 7.24 4.35
N LEU B 249 4.64 7.51 3.09
CA LEU B 249 5.05 8.71 2.39
C LEU B 249 3.84 9.36 1.70
N SER B 250 2.78 9.58 2.47
CA SER B 250 1.54 10.13 1.95
C SER B 250 1.27 11.51 2.54
N ARG B 251 0.28 12.19 1.96
CA ARG B 251 -0.12 13.53 2.35
C ARG B 251 -1.63 13.57 2.53
N LEU B 252 -2.10 14.41 3.45
CA LEU B 252 -3.52 14.48 3.74
C LEU B 252 -3.83 15.86 4.32
N GLU B 253 -5.07 16.30 4.10
CA GLU B 253 -5.57 17.55 4.64
C GLU B 253 -6.91 17.31 5.32
N ARG B 254 -7.10 17.95 6.48
CA ARG B 254 -8.36 17.80 7.22
C ARG B 254 -8.57 19.04 8.07
N ASP B 255 -9.72 19.69 7.91
CA ASP B 255 -10.12 20.85 8.73
C ASP B 255 -8.98 21.87 8.70
N GLY B 256 -8.66 22.33 7.49
CA GLY B 256 -7.67 23.38 7.30
C GLY B 256 -6.23 22.99 7.61
N ILE B 257 -5.99 21.87 8.28
CA ILE B 257 -4.64 21.46 8.66
C ILE B 257 -4.17 20.38 7.69
N VAL B 258 -2.86 20.35 7.45
CA VAL B 258 -2.25 19.45 6.49
C VAL B 258 -1.23 18.57 7.21
N VAL B 259 -1.31 17.27 6.96
CA VAL B 259 -0.40 16.30 7.56
C VAL B 259 0.38 15.63 6.43
N PHE B 260 1.70 15.59 6.57
CA PHE B 260 2.59 15.05 5.54
C PHE B 260 3.97 14.87 6.16
N CYS B 261 4.92 14.47 5.31
CA CYS B 261 6.32 14.37 5.69
C CYS B 261 7.16 15.10 4.64
N ASP B 262 8.10 15.91 5.10
CA ASP B 262 8.94 16.69 4.20
C ASP B 262 10.19 15.89 3.85
N VAL B 263 10.39 15.63 2.57
CA VAL B 263 11.51 14.81 2.10
C VAL B 263 12.35 15.60 1.10
N SER B 264 12.41 16.91 1.26
CA SER B 264 13.06 17.77 0.28
C SER B 264 14.57 17.89 0.49
N MET B 265 15.13 17.26 1.52
CA MET B 265 16.56 17.38 1.80
C MET B 265 17.32 16.07 1.66
N ASP B 266 16.64 14.97 1.34
CA ASP B 266 17.27 13.67 1.15
C ASP B 266 17.07 13.24 -0.29
N GLU B 267 18.15 13.20 -1.06
CA GLU B 267 18.05 13.10 -2.52
C GLU B 267 18.34 11.70 -3.06
N ASP B 268 18.60 10.71 -2.21
CA ASP B 268 18.88 9.37 -2.71
C ASP B 268 17.68 8.76 -3.43
N LEU B 269 16.46 9.26 -3.17
CA LEU B 269 15.29 8.76 -3.89
C LEU B 269 15.30 9.19 -5.34
N PHE B 270 15.87 10.36 -5.64
CA PHE B 270 15.84 10.92 -6.99
C PHE B 270 17.07 10.53 -7.80
N THR B 271 17.95 9.70 -7.26
CA THR B 271 19.14 9.24 -7.96
C THR B 271 18.97 7.84 -8.55
N GLY B 272 17.77 7.29 -8.53
CA GLY B 272 17.56 5.94 -9.01
C GLY B 272 17.69 5.82 -10.51
N ASP B 273 17.87 4.58 -10.97
CA ASP B 273 17.98 4.30 -12.39
C ASP B 273 17.62 2.84 -12.62
N GLY B 274 17.28 2.53 -13.87
CA GLY B 274 16.98 1.18 -14.29
C GLY B 274 15.51 0.83 -14.37
N ASP B 275 14.63 1.70 -13.87
CA ASP B 275 13.21 1.42 -13.92
C ASP B 275 12.44 2.73 -13.97
N TYR B 276 11.29 2.68 -14.65
CA TYR B 276 10.40 3.85 -14.74
C TYR B 276 9.94 4.29 -13.37
N GLN B 277 9.86 3.37 -12.40
CA GLN B 277 9.51 3.74 -11.04
C GLN B 277 10.56 4.65 -10.43
N PHE B 278 11.83 4.45 -10.79
CA PHE B 278 12.86 5.39 -10.35
C PHE B 278 12.69 6.76 -10.98
N ASP B 279 12.25 6.80 -12.25
CA ASP B 279 12.11 8.05 -12.97
C ASP B 279 10.91 8.87 -12.51
N ILE B 280 9.83 8.22 -12.08
CA ILE B 280 8.61 8.98 -11.81
C ILE B 280 8.81 9.90 -10.61
N TYR B 281 9.67 9.52 -9.65
CA TYR B 281 9.95 10.44 -8.54
C TYR B 281 10.51 11.76 -9.04
N ARG B 282 11.55 11.71 -9.89
CA ARG B 282 12.12 12.95 -10.41
C ARG B 282 11.09 13.67 -11.27
N LEU B 283 10.21 12.93 -11.93
CA LEU B 283 9.20 13.57 -12.76
C LEU B 283 8.23 14.39 -11.91
N MET B 284 7.74 13.83 -10.81
CA MET B 284 6.82 14.59 -9.96
C MET B 284 7.56 15.70 -9.23
N LYS B 285 8.85 15.49 -8.93
CA LYS B 285 9.67 16.57 -8.38
C LYS B 285 9.72 17.75 -9.34
N LYS B 286 9.91 17.47 -10.63
CA LYS B 286 9.84 18.52 -11.65
C LYS B 286 8.47 19.18 -11.64
N GLU B 287 7.42 18.38 -11.51
CA GLU B 287 6.06 18.91 -11.58
C GLU B 287 5.77 19.86 -10.42
N ASN B 288 6.24 19.54 -9.21
CA ASN B 288 5.88 20.30 -8.02
C ASN B 288 6.98 21.24 -7.55
N ASN B 289 7.96 21.54 -8.40
CA ASN B 289 9.03 22.51 -8.12
C ASN B 289 9.63 22.34 -6.72
N ASN B 290 9.70 21.10 -6.26
CA ASN B 290 10.25 20.76 -4.94
C ASN B 290 9.52 21.48 -3.81
N ARG B 291 8.19 21.43 -3.85
CA ARG B 291 7.35 21.90 -2.75
C ARG B 291 6.38 20.76 -2.41
N TRP B 292 6.71 20.00 -1.37
CA TRP B 292 5.91 18.85 -1.00
C TRP B 292 4.63 19.22 -0.27
N GLY B 293 4.47 20.50 0.11
CA GLY B 293 3.32 20.93 0.86
C GLY B 293 2.11 21.34 0.04
N GLU B 294 2.17 21.22 -1.28
CA GLU B 294 1.06 21.60 -2.14
C GLU B 294 0.25 20.37 -2.54
N TYR B 295 -1.02 20.62 -2.88
CA TYR B 295 -1.93 19.56 -3.32
C TYR B 295 -1.91 19.50 -4.83
N HIS B 296 -1.25 18.48 -5.38
CA HIS B 296 -1.16 18.27 -6.82
C HIS B 296 -1.72 16.89 -7.13
N PRO B 297 -3.03 16.78 -7.38
CA PRO B 297 -3.62 15.46 -7.65
C PRO B 297 -3.10 14.81 -8.91
N TYR B 298 -2.43 15.56 -9.80
CA TYR B 298 -1.85 14.97 -11.00
C TYR B 298 -0.81 13.92 -10.64
N SER B 299 -0.23 14.01 -9.44
CA SER B 299 0.83 13.08 -9.04
C SER B 299 0.36 11.64 -9.12
N ASN B 300 -0.89 11.39 -8.70
CA ASN B 300 -1.41 10.02 -8.73
C ASN B 300 -1.54 9.51 -10.15
N VAL B 301 -1.81 10.41 -11.10
CA VAL B 301 -2.08 9.99 -12.48
C VAL B 301 -0.83 9.35 -13.08
N LEU B 302 0.34 9.88 -12.76
CA LEU B 302 1.57 9.25 -13.25
C LEU B 302 1.76 7.88 -12.61
N TRP B 303 1.32 7.69 -11.37
CA TRP B 303 1.40 6.37 -10.75
C TRP B 303 0.46 5.38 -11.45
N LEU B 304 -0.73 5.84 -11.82
CA LEU B 304 -1.62 4.99 -12.62
C LEU B 304 -0.98 4.67 -13.97
N HIS B 305 -0.32 5.66 -14.58
CA HIS B 305 0.42 5.42 -15.82
C HIS B 305 1.48 4.34 -15.64
N TYR B 306 2.23 4.41 -14.55
CA TYR B 306 3.26 3.42 -14.29
C TYR B 306 2.65 2.04 -14.10
N LEU B 307 1.56 1.96 -13.34
CA LEU B 307 0.90 0.68 -13.12
C LEU B 307 0.39 0.09 -14.44
N THR B 308 -0.16 0.94 -15.30
CA THR B 308 -0.59 0.48 -16.62
C THR B 308 0.60 0.00 -17.45
N ASP B 309 1.75 0.63 -17.27
CA ASP B 309 2.95 0.19 -17.99
C ASP B 309 3.32 -1.24 -17.61
N LYS B 310 3.26 -1.56 -16.33
CA LYS B 310 3.59 -2.91 -15.88
C LYS B 310 2.57 -3.93 -16.40
N MET B 311 1.29 -3.56 -16.40
CA MET B 311 0.25 -4.51 -16.78
C MET B 311 0.30 -4.90 -18.25
N LEU B 312 0.98 -4.12 -19.09
CA LEU B 312 1.10 -4.42 -20.51
C LEU B 312 2.44 -5.04 -20.87
N LYS B 313 3.46 -4.87 -20.05
CA LYS B 313 4.81 -5.33 -20.38
C LYS B 313 5.34 -6.40 -19.43
N GLN B 314 5.10 -6.26 -18.13
CA GLN B 314 5.65 -7.16 -17.13
C GLN B 314 4.60 -8.16 -16.63
N MET B 315 3.74 -8.65 -17.50
CA MET B 315 2.70 -9.59 -17.14
C MET B 315 2.63 -10.71 -18.15
N THR B 316 2.23 -11.89 -17.70
CA THR B 316 1.98 -13.03 -18.56
C THR B 316 0.64 -13.63 -18.19
N PHE B 317 -0.21 -13.85 -19.19
CA PHE B 317 -1.60 -14.24 -18.99
C PHE B 317 -1.81 -15.70 -19.36
N LYS B 318 -2.67 -16.38 -18.60
CA LYS B 318 -2.97 -17.78 -18.86
C LYS B 318 -3.61 -17.97 -20.23
N THR B 319 -4.56 -17.11 -20.58
CA THR B 319 -5.37 -17.25 -21.78
C THR B 319 -4.80 -16.39 -22.91
N LYS B 320 -4.88 -16.91 -24.13
CA LYS B 320 -4.42 -16.17 -25.29
C LYS B 320 -5.43 -15.07 -25.64
N CYS B 321 -5.18 -14.41 -26.77
CA CYS B 321 -5.96 -13.27 -27.22
C CYS B 321 -6.73 -13.55 -28.51
N ASN B 322 -7.37 -14.71 -28.61
CA ASN B 322 -8.02 -15.10 -29.85
C ASN B 322 -9.43 -14.54 -30.00
N THR B 323 -10.17 -14.37 -28.90
CA THR B 323 -11.56 -13.93 -28.99
C THR B 323 -11.61 -12.48 -29.46
N PRO B 324 -12.44 -12.17 -30.46
CA PRO B 324 -12.47 -10.79 -30.99
C PRO B 324 -12.81 -9.74 -29.94
N ALA B 325 -13.72 -10.03 -29.02
CA ALA B 325 -14.09 -9.05 -28.00
C ALA B 325 -12.90 -8.71 -27.12
N MET B 326 -12.08 -9.70 -26.79
CA MET B 326 -10.91 -9.42 -25.98
C MET B 326 -9.86 -8.65 -26.76
N LYS B 327 -9.77 -8.86 -28.08
CA LYS B 327 -8.97 -7.95 -28.90
C LYS B 327 -9.48 -6.52 -28.82
N GLN B 328 -10.81 -6.36 -28.85
CA GLN B 328 -11.39 -5.03 -28.71
C GLN B 328 -10.96 -4.38 -27.40
N ILE B 329 -11.11 -5.09 -26.29
CA ILE B 329 -10.78 -4.47 -25.02
C ILE B 329 -9.27 -4.24 -24.91
N LYS B 330 -8.46 -5.08 -25.54
CA LYS B 330 -7.03 -4.82 -25.59
C LYS B 330 -6.74 -3.50 -26.29
N ARG B 331 -7.42 -3.24 -27.41
CA ARG B 331 -7.24 -1.96 -28.08
C ARG B 331 -7.72 -0.81 -27.20
N LYS B 332 -8.81 -1.02 -26.46
CA LYS B 332 -9.28 0.01 -25.55
C LYS B 332 -8.23 0.34 -24.49
N ILE B 333 -7.61 -0.70 -23.92
CA ILE B 333 -6.60 -0.47 -22.89
C ILE B 333 -5.39 0.22 -23.48
N GLN B 334 -5.00 -0.14 -24.71
CA GLN B 334 -3.87 0.53 -25.35
C GLN B 334 -4.15 2.01 -25.54
N GLU B 335 -5.35 2.35 -26.03
CA GLU B 335 -5.70 3.76 -26.19
C GLU B 335 -5.74 4.47 -24.84
N PHE B 336 -6.27 3.80 -23.81
CA PHE B 336 -6.28 4.39 -22.49
C PHE B 336 -4.88 4.68 -21.99
N HIS B 337 -3.95 3.75 -22.21
CA HIS B 337 -2.57 3.96 -21.78
C HIS B 337 -1.93 5.13 -22.51
N ARG B 338 -2.15 5.22 -23.83
CA ARG B 338 -1.47 6.26 -24.58
C ARG B 338 -2.14 7.62 -24.50
N THR B 339 -3.38 7.71 -24.00
CA THR B 339 -4.06 9.00 -23.91
C THR B 339 -4.48 9.40 -22.50
N MET B 340 -3.90 8.81 -21.46
CA MET B 340 -4.27 9.23 -20.11
C MET B 340 -3.58 10.52 -19.67
N LEU B 341 -2.38 10.80 -20.17
CA LEU B 341 -1.55 11.86 -19.61
C LEU B 341 -2.07 13.26 -19.90
N ASN B 342 -3.08 13.39 -20.77
CA ASN B 342 -3.68 14.69 -21.05
C ASN B 342 -4.74 15.08 -20.03
N PHE B 343 -4.90 14.30 -18.97
CA PHE B 343 -6.04 14.41 -18.09
C PHE B 343 -5.63 14.95 -16.73
N SER B 344 -6.58 15.55 -16.02
CA SER B 344 -6.24 16.39 -14.88
C SER B 344 -6.16 15.59 -13.57
N SER B 345 -7.28 15.00 -13.15
CA SER B 345 -7.36 14.37 -11.84
C SER B 345 -7.94 12.98 -11.97
N ALA B 346 -7.90 12.23 -10.87
CA ALA B 346 -8.41 10.86 -10.89
C ALA B 346 -9.93 10.81 -11.02
N THR B 347 -10.63 11.71 -10.34
CA THR B 347 -12.09 11.75 -10.44
C THR B 347 -12.53 12.11 -11.85
N ASP B 348 -11.89 13.12 -12.44
CA ASP B 348 -12.21 13.52 -13.80
C ASP B 348 -11.85 12.38 -14.76
N LEU B 349 -10.72 11.72 -14.51
CA LEU B 349 -10.35 10.55 -15.31
C LEU B 349 -11.40 9.47 -15.21
N LEU B 350 -12.01 9.32 -14.03
CA LEU B 350 -13.04 8.30 -13.84
C LEU B 350 -14.31 8.65 -14.60
N CYS B 351 -14.71 9.92 -14.56
CA CYS B 351 -15.98 10.32 -15.14
C CYS B 351 -15.87 10.81 -16.59
N GLN B 352 -14.69 10.77 -17.18
CA GLN B 352 -14.52 11.31 -18.53
C GLN B 352 -13.96 10.31 -19.54
N HIS B 353 -13.00 9.48 -19.14
CA HIS B 353 -12.33 8.63 -20.11
C HIS B 353 -13.28 7.56 -20.65
N SER B 354 -13.03 7.13 -21.89
CA SER B 354 -13.95 6.23 -22.58
C SER B 354 -13.93 4.81 -22.01
N LEU B 355 -12.92 4.47 -21.21
CA LEU B 355 -12.81 3.09 -20.73
C LEU B 355 -13.97 2.72 -19.81
N PHE B 356 -14.35 3.61 -18.91
CA PHE B 356 -15.28 3.24 -17.83
C PHE B 356 -16.75 3.31 -18.23
N LYS B 357 -17.11 4.01 -19.29
CA LYS B 357 -18.51 3.99 -19.72
C LYS B 357 -18.82 2.67 -20.42
#